data_2XXM
#
_entry.id   2XXM
#
_cell.length_a   133.720
_cell.length_b   39.510
_cell.length_c   35.210
_cell.angle_alpha   90.00
_cell.angle_beta   90.00
_cell.angle_gamma   90.00
#
_symmetry.space_group_name_H-M   'P 21 21 2'
#
loop_
_entity.id
_entity.type
_entity.pdbx_description
1 polymer 'CAPSID PROTEIN P24'
2 polymer 'CAMELID VHH 9'
3 polymer 'INHIBITOR OF CAPSID ASSEMBLY'
4 non-polymer 'ACETATE ION'
5 water water
#
loop_
_entity_poly.entity_id
_entity_poly.type
_entity_poly.pdbx_seq_one_letter_code
_entity_poly.pdbx_strand_id
1 'polypeptide(L)' SPTSILDIRQGPKEPFRDYVDRFYKTLRAEQASQEVKNWMTETLLVQNANPDCKTILKALGPGATLEEMMTACQG A
2 'polypeptide(L)'
;MAQVQLVESGGGLVQAGGSLRLSCAASGSFFMSNVMAWYRQAPGKARELIAAIRGGDMSTVYDDSVKGRFTITRDDDKNI
LYLQMNDLKPEDTAMYYCKASGSSWGQGTQVTVSSHHHHHH
;
B
3 'polypeptide(L)' ITFEDLLDYYG T
#
# COMPACT_ATOMS: atom_id res chain seq x y z
N SER A 1 9.73 -3.73 -11.05
CA SER A 1 9.53 -3.22 -12.41
C SER A 1 8.38 -3.94 -13.15
N PRO A 2 7.09 -3.75 -12.79
CA PRO A 2 6.56 -2.91 -11.70
C PRO A 2 6.57 -3.60 -10.33
N THR A 3 7.07 -2.89 -9.32
CA THR A 3 7.14 -3.41 -7.96
C THR A 3 6.21 -2.60 -7.07
N SER A 4 5.50 -3.27 -6.15
CA SER A 4 4.64 -2.60 -5.18
C SER A 4 5.56 -1.93 -4.17
N ILE A 5 5.18 -0.74 -3.71
CA ILE A 5 5.95 -0.01 -2.69
C ILE A 5 6.06 -0.82 -1.39
N LEU A 6 5.08 -1.72 -1.15
CA LEU A 6 5.01 -2.59 0.02
C LEU A 6 6.19 -3.57 0.07
N ASP A 7 6.77 -3.89 -1.10
CA ASP A 7 7.87 -4.85 -1.24
C ASP A 7 9.28 -4.25 -1.19
N ILE A 8 9.41 -2.92 -1.08
CA ILE A 8 10.73 -2.29 -1.03
C ILE A 8 11.29 -2.31 0.39
N ARG A 9 12.33 -3.15 0.59
CA ARG A 9 12.99 -3.30 1.87
C ARG A 9 14.49 -3.18 1.68
N GLN A 10 15.17 -2.48 2.61
CA GLN A 10 16.61 -2.30 2.54
C GLN A 10 17.33 -3.63 2.75
N GLY A 11 18.28 -3.91 1.86
CA GLY A 11 19.09 -5.11 1.92
C GLY A 11 20.04 -5.06 3.10
N PRO A 12 20.56 -6.21 3.58
CA PRO A 12 21.48 -6.18 4.73
C PRO A 12 22.77 -5.39 4.53
N LYS A 13 23.28 -5.37 3.28
CA LYS A 13 24.51 -4.68 2.88
C LYS A 13 24.20 -3.43 2.03
N GLU A 14 22.92 -3.14 1.78
CA GLU A 14 22.51 -2.01 0.95
C GLU A 14 22.67 -0.67 1.68
N PRO A 15 23.44 0.29 1.11
CA PRO A 15 23.56 1.61 1.77
C PRO A 15 22.20 2.28 1.83
N PHE A 16 21.91 2.98 2.94
CA PHE A 16 20.62 3.65 3.12
C PHE A 16 20.27 4.58 1.98
N ARG A 17 21.26 5.34 1.47
CA ARG A 17 21.02 6.25 0.33
C ARG A 17 20.50 5.51 -0.92
N ASP A 18 20.97 4.26 -1.16
CA ASP A 18 20.54 3.43 -2.30
C ASP A 18 19.10 2.98 -2.09
N TYR A 19 18.78 2.54 -0.87
CA TYR A 19 17.44 2.09 -0.49
C TYR A 19 16.41 3.21 -0.65
N VAL A 20 16.70 4.43 -0.13
CA VAL A 20 15.80 5.59 -0.24
C VAL A 20 15.52 5.90 -1.71
N ASP A 21 16.58 5.86 -2.55
CA ASP A 21 16.43 6.12 -3.98
C ASP A 21 15.51 5.06 -4.64
N ARG A 22 15.71 3.76 -4.29
CA ARG A 22 14.89 2.65 -4.79
C ARG A 22 13.44 2.83 -4.34
N PHE A 23 13.24 3.20 -3.06
CA PHE A 23 11.91 3.45 -2.48
C PHE A 23 11.24 4.60 -3.23
N TYR A 24 11.95 5.72 -3.41
CA TYR A 24 11.45 6.91 -4.11
C TYR A 24 11.02 6.58 -5.54
N LYS A 25 11.89 5.90 -6.32
CA LYS A 25 11.60 5.54 -7.71
C LYS A 25 10.40 4.61 -7.82
N THR A 26 10.30 3.62 -6.91
CA THR A 26 9.18 2.68 -6.88
C THR A 26 7.87 3.41 -6.58
N LEU A 27 7.89 4.35 -5.61
CA LEU A 27 6.71 5.12 -5.24
C LEU A 27 6.29 6.11 -6.33
N ARG A 28 7.27 6.68 -7.07
CA ARG A 28 7.01 7.57 -8.20
C ARG A 28 6.24 6.79 -9.27
N ALA A 29 6.65 5.53 -9.52
CA ALA A 29 6.06 4.62 -10.51
C ALA A 29 4.66 4.14 -10.14
N GLU A 30 4.33 4.14 -8.82
CA GLU A 30 3.01 3.72 -8.32
C GLU A 30 1.93 4.66 -8.81
N GLN A 31 0.79 4.09 -9.26
CA GLN A 31 -0.34 4.90 -9.70
C GLN A 31 -1.21 5.11 -8.48
N ALA A 32 -1.02 6.27 -7.83
CA ALA A 32 -1.71 6.64 -6.59
C ALA A 32 -1.70 8.15 -6.39
N SER A 33 -2.62 8.66 -5.57
CA SER A 33 -2.71 10.08 -5.25
C SER A 33 -1.51 10.48 -4.39
N GLN A 34 -1.21 11.80 -4.31
CA GLN A 34 -0.14 12.33 -3.47
C GLN A 34 -0.38 11.98 -2.00
N GLU A 35 -1.66 12.00 -1.57
CA GLU A 35 -2.09 11.64 -0.20
C GLU A 35 -1.68 10.20 0.13
N VAL A 36 -1.98 9.25 -0.77
CA VAL A 36 -1.63 7.84 -0.58
C VAL A 36 -0.10 7.67 -0.53
N LYS A 37 0.63 8.34 -1.46
CA LYS A 37 2.10 8.29 -1.52
C LYS A 37 2.73 8.87 -0.25
N ASN A 38 2.15 9.95 0.30
CA ASN A 38 2.61 10.55 1.57
C ASN A 38 2.44 9.57 2.72
N TRP A 39 1.25 8.93 2.83
CA TRP A 39 0.93 7.93 3.84
C TRP A 39 1.89 6.74 3.73
N MET A 40 2.16 6.27 2.49
CA MET A 40 3.08 5.16 2.23
C MET A 40 4.51 5.47 2.69
N THR A 41 5.00 6.70 2.41
CA THR A 41 6.35 7.10 2.83
C THR A 41 6.43 7.18 4.36
N GLU A 42 5.42 7.81 5.01
CA GLU A 42 5.36 7.96 6.46
C GLU A 42 5.32 6.61 7.18
N THR A 43 4.62 5.63 6.59
CA THR A 43 4.44 4.31 7.17
C THR A 43 5.57 3.31 6.87
N LEU A 44 6.12 3.33 5.65
CA LEU A 44 7.08 2.32 5.20
C LEU A 44 8.56 2.68 5.18
N LEU A 45 8.93 3.93 4.88
CA LEU A 45 10.35 4.29 4.72
C LEU A 45 11.29 3.84 5.84
N VAL A 46 11.00 4.23 7.07
CA VAL A 46 11.83 3.85 8.23
C VAL A 46 11.56 2.39 8.61
N GLN A 47 10.28 1.97 8.60
CA GLN A 47 9.85 0.62 8.94
C GLN A 47 10.51 -0.47 8.09
N ASN A 48 10.70 -0.20 6.78
CA ASN A 48 11.30 -1.15 5.85
C ASN A 48 12.81 -1.02 5.66
N ALA A 49 13.45 -0.15 6.46
CA ALA A 49 14.91 -0.04 6.46
C ALA A 49 15.43 -1.30 7.17
N ASN A 50 16.71 -1.67 6.96
CA ASN A 50 17.22 -2.87 7.61
C ASN A 50 17.28 -2.68 9.15
N PRO A 51 17.27 -3.76 9.98
CA PRO A 51 17.27 -3.57 11.44
C PRO A 51 18.34 -2.63 11.99
N ASP A 52 19.59 -2.71 11.46
CA ASP A 52 20.69 -1.85 11.90
C ASP A 52 20.38 -0.37 11.67
N CYS A 53 19.91 -0.01 10.46
N CYS A 53 19.92 -0.02 10.46
CA CYS A 53 19.55 1.37 10.10
CA CYS A 53 19.57 1.35 10.09
C CYS A 53 18.31 1.84 10.85
C CYS A 53 18.33 1.83 10.84
N LYS A 54 17.33 0.93 11.03
CA LYS A 54 16.06 1.20 11.74
C LYS A 54 16.31 1.63 13.19
N THR A 55 17.30 1.01 13.88
CA THR A 55 17.69 1.35 15.25
C THR A 55 18.24 2.79 15.27
N ILE A 56 19.10 3.12 14.29
CA ILE A 56 19.71 4.45 14.15
C ILE A 56 18.65 5.52 13.84
N LEU A 57 17.74 5.24 12.87
CA LEU A 57 16.70 6.19 12.46
C LEU A 57 15.68 6.48 13.54
N LYS A 58 15.21 5.43 14.25
CA LYS A 58 14.23 5.58 15.33
C LYS A 58 14.77 6.39 16.51
N ALA A 59 16.10 6.28 16.76
CA ALA A 59 16.81 7.02 17.82
C ALA A 59 16.81 8.54 17.56
N LEU A 60 16.66 8.95 16.28
CA LEU A 60 16.60 10.37 15.90
C LEU A 60 15.26 10.96 16.33
N GLY A 61 14.25 10.11 16.51
CA GLY A 61 12.92 10.52 16.91
C GLY A 61 12.07 10.99 15.75
N PRO A 62 10.78 11.30 16.03
CA PRO A 62 9.89 11.75 14.94
C PRO A 62 10.22 13.14 14.42
N GLY A 63 9.91 13.38 13.16
CA GLY A 63 10.14 14.66 12.51
C GLY A 63 11.54 14.91 11.99
N ALA A 64 12.39 13.86 11.98
CA ALA A 64 13.75 13.97 11.44
C ALA A 64 13.67 14.16 9.92
N THR A 65 14.49 15.07 9.37
CA THR A 65 14.51 15.34 7.93
C THR A 65 15.27 14.24 7.20
N LEU A 66 15.13 14.15 5.86
CA LEU A 66 15.87 13.14 5.09
C LEU A 66 17.38 13.39 5.20
N GLU A 67 17.79 14.68 5.20
CA GLU A 67 19.19 15.10 5.37
C GLU A 67 19.76 14.56 6.68
N GLU A 68 18.99 14.70 7.79
CA GLU A 68 19.39 14.21 9.11
C GLU A 68 19.49 12.69 9.14
N MET A 69 18.58 12.00 8.43
CA MET A 69 18.57 10.53 8.32
C MET A 69 19.81 10.04 7.57
N MET A 70 20.19 10.76 6.49
CA MET A 70 21.36 10.44 5.66
C MET A 70 22.67 10.62 6.43
N THR A 71 22.73 11.65 7.31
CA THR A 71 23.91 11.98 8.12
C THR A 71 24.01 11.14 9.40
N ALA A 72 22.98 10.33 9.70
CA ALA A 72 22.95 9.45 10.87
C ALA A 72 23.48 8.06 10.46
N CYS A 73 23.12 7.60 9.24
CA CYS A 73 23.54 6.32 8.66
CA CYS A 73 23.54 6.32 8.67
C CYS A 73 24.85 6.46 7.89
N LEU B 6 -3.64 -18.00 -0.31
CA LEU B 6 -4.29 -16.73 -0.58
C LEU B 6 -5.57 -16.92 -1.41
N VAL B 7 -6.73 -16.48 -0.85
CA VAL B 7 -8.04 -16.59 -1.50
C VAL B 7 -8.74 -15.22 -1.58
N GLU B 8 -8.90 -14.70 -2.82
CA GLU B 8 -9.56 -13.42 -3.10
C GLU B 8 -10.94 -13.68 -3.69
N SER B 9 -12.00 -13.14 -3.07
CA SER B 9 -13.38 -13.32 -3.51
C SER B 9 -14.26 -12.12 -3.17
N GLY B 10 -15.56 -12.22 -3.47
CA GLY B 10 -16.54 -11.17 -3.20
C GLY B 10 -16.91 -10.33 -4.40
N GLY B 11 -16.19 -10.52 -5.50
CA GLY B 11 -16.44 -9.80 -6.74
C GLY B 11 -17.65 -10.34 -7.48
N GLY B 12 -18.11 -9.59 -8.47
CA GLY B 12 -19.25 -9.98 -9.28
C GLY B 12 -19.88 -8.85 -10.07
N LEU B 13 -21.01 -9.15 -10.72
CA LEU B 13 -21.79 -8.23 -11.54
C LEU B 13 -22.84 -7.51 -10.69
N VAL B 14 -22.85 -6.17 -10.75
CA VAL B 14 -23.78 -5.29 -10.02
C VAL B 14 -24.18 -4.09 -10.89
N GLN B 15 -25.33 -3.47 -10.57
CA GLN B 15 -25.82 -2.27 -11.26
C GLN B 15 -25.22 -1.04 -10.58
N ALA B 16 -25.15 0.10 -11.30
CA ALA B 16 -24.63 1.36 -10.77
C ALA B 16 -25.37 1.77 -9.49
N GLY B 17 -24.61 2.01 -8.43
CA GLY B 17 -25.14 2.34 -7.11
C GLY B 17 -25.19 1.12 -6.19
N GLY B 18 -24.80 -0.03 -6.73
CA GLY B 18 -24.75 -1.30 -6.02
C GLY B 18 -23.61 -1.43 -5.04
N SER B 19 -23.54 -2.56 -4.34
CA SER B 19 -22.52 -2.84 -3.34
C SER B 19 -21.93 -4.23 -3.45
N LEU B 20 -20.65 -4.37 -3.04
CA LEU B 20 -19.89 -5.62 -2.99
C LEU B 20 -18.90 -5.55 -1.82
N ARG B 21 -18.52 -6.69 -1.26
CA ARG B 21 -17.53 -6.73 -0.19
C ARG B 21 -16.47 -7.76 -0.58
N LEU B 22 -15.26 -7.28 -0.86
CA LEU B 22 -14.19 -8.17 -1.25
C LEU B 22 -13.50 -8.74 -0.03
N SER B 23 -13.08 -10.01 -0.13
CA SER B 23 -12.39 -10.72 0.94
CA SER B 23 -12.38 -10.71 0.94
C SER B 23 -11.03 -11.21 0.44
N CYS B 24 -10.01 -11.08 1.29
CA CYS B 24 -8.64 -11.50 1.01
C CYS B 24 -8.23 -12.37 2.19
N ALA B 25 -8.58 -13.66 2.12
CA ALA B 25 -8.28 -14.65 3.16
C ALA B 25 -6.86 -15.12 2.93
N ALA B 26 -5.95 -14.82 3.86
CA ALA B 26 -4.54 -15.16 3.69
C ALA B 26 -3.89 -15.86 4.89
N SER B 27 -2.63 -16.28 4.71
CA SER B 27 -1.81 -16.95 5.71
C SER B 27 -1.36 -15.97 6.81
N GLY B 28 -0.83 -16.54 7.90
CA GLY B 28 -0.29 -15.78 9.03
C GLY B 28 0.88 -14.90 8.65
N SER B 29 1.70 -15.36 7.67
CA SER B 29 2.87 -14.66 7.13
C SER B 29 2.46 -13.35 6.44
N PHE B 30 1.37 -13.38 5.66
CA PHE B 30 0.77 -12.22 5.04
C PHE B 30 0.36 -11.27 6.12
N PHE B 31 -0.25 -11.80 7.15
CA PHE B 31 -0.79 -10.95 8.19
C PHE B 31 0.24 -10.46 9.17
N MET B 32 1.47 -10.84 8.95
CA MET B 32 2.52 -10.26 9.75
C MET B 32 2.91 -8.90 9.18
N SER B 33 2.47 -8.61 7.98
CA SER B 33 2.77 -7.32 7.36
C SER B 33 2.05 -6.21 8.05
N ASN B 34 2.76 -5.13 8.30
CA ASN B 34 2.13 -4.01 8.93
C ASN B 34 1.15 -3.33 7.99
N VAL B 35 1.53 -3.21 6.73
CA VAL B 35 0.69 -2.54 5.73
C VAL B 35 0.09 -3.55 4.81
N MET B 36 -1.17 -3.36 4.51
CA MET B 36 -1.88 -4.16 3.53
C MET B 36 -2.66 -3.19 2.62
N ALA B 37 -2.81 -3.59 1.38
CA ALA B 37 -3.41 -2.70 0.41
C ALA B 37 -4.27 -3.42 -0.60
N TRP B 38 -5.20 -2.69 -1.20
CA TRP B 38 -5.99 -3.17 -2.31
C TRP B 38 -5.56 -2.40 -3.55
N TYR B 39 -5.31 -3.13 -4.63
CA TYR B 39 -4.96 -2.59 -5.94
C TYR B 39 -6.13 -2.85 -6.90
N ARG B 40 -6.33 -1.92 -7.83
CA ARG B 40 -7.36 -1.95 -8.86
C ARG B 40 -6.66 -1.99 -10.22
N GLN B 41 -7.03 -2.94 -11.10
CA GLN B 41 -6.41 -3.02 -12.42
C GLN B 41 -7.46 -3.24 -13.50
N ALA B 42 -7.70 -2.21 -14.32
CA ALA B 42 -8.66 -2.22 -15.43
C ALA B 42 -7.94 -2.65 -16.72
N PRO B 43 -8.62 -3.32 -17.70
CA PRO B 43 -7.91 -3.75 -18.93
C PRO B 43 -7.16 -2.64 -19.64
N GLY B 44 -5.90 -2.94 -20.00
CA GLY B 44 -5.01 -2.03 -20.70
C GLY B 44 -4.44 -0.90 -19.86
N LYS B 45 -4.70 -0.92 -18.53
CA LYS B 45 -4.24 0.14 -17.64
C LYS B 45 -3.33 -0.41 -16.55
N ALA B 46 -2.43 0.44 -16.05
CA ALA B 46 -1.52 0.09 -14.96
C ALA B 46 -2.34 -0.10 -13.68
N ARG B 47 -1.84 -0.93 -12.75
CA ARG B 47 -2.56 -1.15 -11.48
C ARG B 47 -2.53 0.12 -10.64
N GLU B 48 -3.60 0.36 -9.87
CA GLU B 48 -3.72 1.55 -9.04
C GLU B 48 -3.86 1.16 -7.58
N LEU B 49 -3.10 1.83 -6.70
CA LEU B 49 -3.17 1.60 -5.26
C LEU B 49 -4.33 2.46 -4.77
N ILE B 50 -5.48 1.81 -4.46
CA ILE B 50 -6.72 2.49 -4.08
C ILE B 50 -7.04 2.60 -2.59
N ALA B 51 -6.58 1.64 -1.77
CA ALA B 51 -6.85 1.63 -0.35
C ALA B 51 -5.74 0.93 0.42
N ALA B 52 -5.42 1.43 1.62
CA ALA B 52 -4.39 0.83 2.45
C ALA B 52 -4.71 0.95 3.93
N ILE B 53 -4.21 0.00 4.72
CA ILE B 53 -4.38 -0.07 6.17
C ILE B 53 -3.06 -0.48 6.83
N ARG B 54 -2.81 0.03 8.03
CA ARG B 54 -1.62 -0.35 8.79
C ARG B 54 -2.00 -0.95 10.13
N GLY B 55 -1.28 -1.99 10.55
CA GLY B 55 -1.51 -2.67 11.82
C GLY B 55 -1.17 -1.80 13.02
N GLY B 56 -1.81 -2.10 14.15
CA GLY B 56 -1.60 -1.35 15.38
C GLY B 56 -2.64 -0.27 15.59
N ASP B 57 -2.41 0.92 14.99
CA ASP B 57 -3.33 2.05 15.11
C ASP B 57 -4.51 1.98 14.13
N MET B 58 -4.46 1.01 13.19
CA MET B 58 -5.51 0.75 12.18
C MET B 58 -5.77 1.96 11.26
N SER B 59 -4.74 2.80 11.02
CA SER B 59 -4.84 3.97 10.15
C SER B 59 -5.08 3.52 8.71
N THR B 60 -5.92 4.27 7.99
CA THR B 60 -6.28 3.97 6.60
C THR B 60 -6.05 5.17 5.68
N VAL B 61 -5.86 4.88 4.39
CA VAL B 61 -5.69 5.89 3.35
C VAL B 61 -6.42 5.39 2.11
N TYR B 62 -7.04 6.30 1.37
CA TYR B 62 -7.81 5.97 0.18
C TYR B 62 -7.47 6.89 -0.96
N ASP B 63 -7.57 6.37 -2.20
CA ASP B 63 -7.41 7.18 -3.40
C ASP B 63 -8.65 8.07 -3.46
N ASP B 64 -8.52 9.29 -4.03
CA ASP B 64 -9.64 10.25 -4.13
C ASP B 64 -10.88 9.67 -4.84
N SER B 65 -10.69 8.78 -5.82
CA SER B 65 -11.78 8.16 -6.60
C SER B 65 -12.65 7.19 -5.79
N VAL B 66 -12.20 6.76 -4.59
CA VAL B 66 -12.93 5.80 -3.74
C VAL B 66 -13.40 6.35 -2.38
N LYS B 67 -13.05 7.62 -2.06
CA LYS B 67 -13.40 8.28 -0.79
C LYS B 67 -14.90 8.36 -0.54
N GLY B 68 -15.31 8.01 0.68
CA GLY B 68 -16.69 8.03 1.12
C GLY B 68 -17.56 6.95 0.49
N ARG B 69 -16.93 5.97 -0.19
CA ARG B 69 -17.63 4.86 -0.84
C ARG B 69 -17.04 3.52 -0.43
N PHE B 70 -15.69 3.42 -0.40
CA PHE B 70 -15.00 2.18 -0.06
C PHE B 70 -14.40 2.20 1.35
N THR B 71 -14.36 1.04 2.00
CA THR B 71 -13.79 0.91 3.34
C THR B 71 -12.90 -0.33 3.44
N ILE B 72 -11.65 -0.11 3.83
CA ILE B 72 -10.69 -1.20 4.03
C ILE B 72 -10.64 -1.55 5.52
N THR B 73 -10.77 -2.84 5.84
CA THR B 73 -10.71 -3.34 7.22
C THR B 73 -9.91 -4.63 7.25
N ARG B 74 -9.24 -4.91 8.37
CA ARG B 74 -8.49 -6.15 8.53
C ARG B 74 -8.96 -6.90 9.77
N ASP B 75 -9.28 -8.19 9.60
CA ASP B 75 -9.71 -9.05 10.69
C ASP B 75 -8.52 -9.94 11.05
N ASP B 76 -7.73 -9.51 12.05
CA ASP B 76 -6.52 -10.20 12.53
C ASP B 76 -6.83 -11.52 13.23
N ASP B 77 -8.08 -11.69 13.72
CA ASP B 77 -8.53 -12.91 14.40
C ASP B 77 -8.81 -14.04 13.40
N LYS B 78 -9.16 -13.68 12.14
CA LYS B 78 -9.47 -14.64 11.07
C LYS B 78 -8.48 -14.59 9.91
N ASN B 79 -7.54 -13.62 9.92
CA ASN B 79 -6.54 -13.37 8.86
C ASN B 79 -7.22 -13.13 7.50
N ILE B 80 -8.20 -12.21 7.50
CA ILE B 80 -8.94 -11.80 6.31
C ILE B 80 -8.92 -10.28 6.17
N LEU B 81 -8.55 -9.79 4.97
CA LEU B 81 -8.52 -8.37 4.64
C LEU B 81 -9.76 -8.10 3.79
N TYR B 82 -10.53 -7.06 4.14
CA TYR B 82 -11.76 -6.72 3.42
C TYR B 82 -11.72 -5.39 2.70
N LEU B 83 -12.57 -5.27 1.67
CA LEU B 83 -12.81 -4.02 0.96
C LEU B 83 -14.31 -3.92 0.71
N GLN B 84 -14.99 -3.12 1.55
CA GLN B 84 -16.42 -2.86 1.42
C GLN B 84 -16.56 -1.80 0.33
N MET B 85 -17.29 -2.12 -0.74
CA MET B 85 -17.48 -1.21 -1.88
C MET B 85 -18.93 -0.80 -1.97
N ASN B 86 -19.23 0.47 -1.64
CA ASN B 86 -20.59 1.02 -1.71
C ASN B 86 -20.71 2.06 -2.80
N ASP B 87 -21.96 2.32 -3.28
CA ASP B 87 -22.27 3.29 -4.34
C ASP B 87 -21.35 3.08 -5.57
N LEU B 88 -21.27 1.82 -6.03
CA LEU B 88 -20.42 1.41 -7.15
C LEU B 88 -20.80 2.12 -8.46
N LYS B 89 -19.78 2.53 -9.21
CA LYS B 89 -19.91 3.26 -10.47
C LYS B 89 -19.32 2.44 -11.63
N PRO B 90 -19.78 2.62 -12.90
CA PRO B 90 -19.21 1.83 -14.02
C PRO B 90 -17.68 1.89 -14.12
N GLU B 91 -17.08 3.05 -13.79
CA GLU B 91 -15.62 3.28 -13.80
C GLU B 91 -14.85 2.41 -12.77
N ASP B 92 -15.58 1.80 -11.80
CA ASP B 92 -14.99 0.89 -10.80
C ASP B 92 -14.76 -0.51 -11.36
N THR B 93 -15.26 -0.80 -12.59
CA THR B 93 -15.08 -2.09 -13.26
C THR B 93 -13.59 -2.36 -13.43
N ALA B 94 -13.10 -3.44 -12.81
CA ALA B 94 -11.69 -3.84 -12.81
C ALA B 94 -11.46 -5.11 -12.00
N MET B 95 -10.23 -5.63 -12.08
CA MET B 95 -9.76 -6.75 -11.30
C MET B 95 -9.17 -6.15 -10.02
N TYR B 96 -9.52 -6.72 -8.86
CA TYR B 96 -9.05 -6.23 -7.56
C TYR B 96 -8.12 -7.21 -6.89
N TYR B 97 -6.98 -6.71 -6.39
CA TYR B 97 -5.94 -7.53 -5.80
C TYR B 97 -5.54 -7.02 -4.42
N CYS B 98 -5.33 -7.93 -3.47
CA CYS B 98 -4.85 -7.54 -2.16
C CYS B 98 -3.35 -7.78 -2.10
N LYS B 99 -2.64 -6.94 -1.35
CA LYS B 99 -1.19 -7.02 -1.26
C LYS B 99 -0.70 -6.71 0.14
N ALA B 100 0.36 -7.40 0.55
CA ALA B 100 1.05 -7.19 1.81
C ALA B 100 2.55 -7.17 1.51
N SER B 101 3.39 -6.72 2.47
CA SER B 101 4.84 -6.69 2.26
C SER B 101 5.38 -8.11 2.08
N GLY B 102 5.99 -8.34 0.92
CA GLY B 102 6.58 -9.63 0.55
C GLY B 102 5.61 -10.69 0.08
N SER B 103 4.31 -10.38 0.01
CA SER B 103 3.30 -11.34 -0.42
C SER B 103 3.33 -11.59 -1.92
N SER B 104 3.02 -12.83 -2.34
CA SER B 104 2.93 -13.17 -3.75
C SER B 104 1.59 -12.66 -4.27
N TRP B 105 1.55 -12.10 -5.46
CA TRP B 105 0.31 -11.61 -6.02
C TRP B 105 -0.71 -12.75 -6.18
N GLY B 106 -1.97 -12.47 -5.90
CA GLY B 106 -2.96 -13.50 -6.15
C GLY B 106 -3.66 -13.39 -7.49
N GLN B 107 -4.70 -14.16 -7.65
CA GLN B 107 -5.48 -14.18 -8.86
C GLN B 107 -6.40 -12.99 -9.06
N GLY B 108 -6.72 -12.29 -8.00
CA GLY B 108 -7.60 -11.16 -8.07
C GLY B 108 -9.05 -11.56 -8.16
N THR B 109 -9.91 -10.60 -8.10
CA THR B 109 -11.36 -10.80 -8.21
C THR B 109 -11.97 -9.69 -9.05
N GLN B 110 -12.84 -10.09 -9.96
CA GLN B 110 -13.44 -9.20 -10.91
C GLN B 110 -14.68 -8.50 -10.37
N VAL B 111 -14.70 -7.19 -10.53
CA VAL B 111 -15.82 -6.40 -10.23
C VAL B 111 -16.32 -5.74 -11.52
N THR B 112 -17.59 -5.98 -11.86
CA THR B 112 -18.18 -5.41 -13.07
C THR B 112 -19.43 -4.63 -12.68
N VAL B 113 -19.46 -3.33 -13.04
CA VAL B 113 -20.56 -2.43 -12.72
C VAL B 113 -21.20 -1.95 -14.03
N SER B 114 -22.51 -2.24 -14.20
CA SER B 114 -23.28 -1.86 -15.38
C SER B 114 -23.83 -0.43 -15.30
N SER B 115 -24.19 0.16 -16.48
CA SER B 115 -24.73 1.50 -16.76
C SER B 115 -23.66 2.48 -17.23
N ILE C 1 8.93 11.28 7.34
CA ILE C 1 9.18 11.67 5.96
C ILE C 1 7.92 11.45 5.12
N THR C 2 7.60 12.42 4.26
CA THR C 2 6.46 12.33 3.34
C THR C 2 6.99 12.10 1.93
N PHE C 3 6.10 11.83 0.95
CA PHE C 3 6.50 11.68 -0.45
C PHE C 3 6.95 13.03 -0.99
N GLU C 4 6.30 14.12 -0.53
CA GLU C 4 6.64 15.49 -0.89
C GLU C 4 8.08 15.81 -0.46
N ASP C 5 8.54 15.26 0.69
CA ASP C 5 9.92 15.42 1.18
C ASP C 5 10.89 14.77 0.19
N LEU C 6 10.53 13.57 -0.32
CA LEU C 6 11.33 12.83 -1.29
C LEU C 6 11.43 13.61 -2.61
N LEU C 7 10.29 14.14 -3.11
CA LEU C 7 10.26 14.95 -4.33
C LEU C 7 11.17 16.18 -4.19
N ASP C 8 11.12 16.86 -3.02
CA ASP C 8 11.94 18.03 -2.73
C ASP C 8 13.42 17.70 -2.61
N TYR C 9 13.74 16.53 -2.04
CA TYR C 9 15.12 16.07 -1.85
C TYR C 9 15.81 15.72 -3.18
N TYR C 10 15.11 14.99 -4.05
CA TYR C 10 15.67 14.54 -5.33
C TYR C 10 15.45 15.48 -6.51
N GLY C 11 14.39 16.29 -6.45
CA GLY C 11 14.05 17.22 -7.53
C GLY C 11 13.25 16.53 -8.65
#